data_2ERY
#
_entry.id   2ERY
#
_cell.length_a   62.191
_cell.length_b   72.115
_cell.length_c   82.073
_cell.angle_alpha   90.00
_cell.angle_beta   90.00
_cell.angle_gamma   90.00
#
_symmetry.space_group_name_H-M   'P 21 21 21'
#
loop_
_entity.id
_entity.type
_entity.pdbx_description
1 polymer 'Ras-related protein R-Ras2'
2 non-polymer 'MAGNESIUM ION'
3 non-polymer "GUANOSINE-5'-DIPHOSPHATE"
4 water water
#
_entity_poly.entity_id   1
_entity_poly.type   'polypeptide(L)'
_entity_poly.pdbx_seq_one_letter_code
;SMQEKYRLVVVGGGGVGKSALTIQFIQSYFVTDYDPTIEDSYTKQCVIDDRAARLDILDTAGQEEFGAMREQYMRTGEGF
LLVFSVTDRGSFEEIYKFQRQILRVKDRDEFPMILIGNKADLDHQRQVTQEEGQQLARQLKVTYMEASAKIRMNVDQAFH
ELVRVIRKFQEQ
;
_entity_poly.pdbx_strand_id   A,B
#
loop_
_chem_comp.id
_chem_comp.type
_chem_comp.name
_chem_comp.formula
GDP RNA linking GUANOSINE-5'-DIPHOSPHATE 'C10 H15 N5 O11 P2'
MG non-polymer 'MAGNESIUM ION' 'Mg 2'
#
# COMPACT_ATOMS: atom_id res chain seq x y z
N SER A 1 -11.46 20.60 -14.89
CA SER A 1 -12.16 19.27 -14.84
C SER A 1 -11.93 18.49 -16.13
N MET A 2 -11.25 17.34 -16.06
CA MET A 2 -10.71 16.75 -14.82
C MET A 2 -9.58 17.61 -14.23
N GLN A 3 -9.64 17.81 -12.91
CA GLN A 3 -8.66 18.62 -12.22
C GLN A 3 -8.02 17.82 -11.08
N GLU A 4 -6.76 18.13 -10.79
CA GLU A 4 -6.03 17.46 -9.73
C GLU A 4 -6.63 17.81 -8.36
N LYS A 5 -7.09 16.77 -7.66
CA LYS A 5 -7.75 16.94 -6.38
C LYS A 5 -7.31 15.84 -5.42
N TYR A 6 -7.06 16.21 -4.17
CA TYR A 6 -6.53 15.26 -3.20
C TYR A 6 -7.33 15.27 -1.92
N ARG A 7 -7.79 14.09 -1.52
CA ARG A 7 -8.49 13.89 -0.28
C ARG A 7 -7.44 13.61 0.79
N LEU A 8 -7.18 14.60 1.63
CA LEU A 8 -6.21 14.48 2.70
C LEU A 8 -6.93 14.36 4.03
N VAL A 9 -6.38 13.55 4.93
CA VAL A 9 -7.04 13.23 6.20
C VAL A 9 -6.04 13.47 7.33
N VAL A 10 -6.46 14.24 8.32
CA VAL A 10 -5.62 14.62 9.47
C VAL A 10 -6.06 13.76 10.65
N VAL A 11 -5.13 12.94 11.15
CA VAL A 11 -5.42 11.99 12.23
C VAL A 11 -4.46 12.25 13.40
N GLY A 12 -4.85 11.80 14.59
CA GLY A 12 -4.00 11.87 15.77
C GLY A 12 -4.85 11.95 17.01
N GLY A 13 -4.22 11.91 18.20
CA GLY A 13 -4.94 12.07 19.50
C GLY A 13 -5.77 13.35 19.51
N GLY A 14 -6.72 13.60 20.42
CA GLY A 14 -6.44 13.78 21.80
C GLY A 14 -5.75 15.15 21.96
N GLY A 15 -6.29 16.23 21.36
CA GLY A 15 -5.77 17.59 21.60
C GLY A 15 -4.39 17.94 21.01
N VAL A 16 -4.01 17.20 19.99
CA VAL A 16 -2.68 17.38 19.41
C VAL A 16 -2.56 18.61 18.51
N GLY A 17 -3.68 19.13 18.02
CA GLY A 17 -3.64 20.27 17.09
C GLY A 17 -4.15 20.00 15.68
N LYS A 18 -4.90 18.91 15.49
CA LYS A 18 -5.49 18.59 14.16
C LYS A 18 -6.34 19.77 13.65
N SER A 19 -7.22 20.26 14.50
CA SER A 19 -8.06 21.39 14.15
C SER A 19 -7.27 22.68 13.96
N ALA A 20 -6.38 22.99 14.90
CA ALA A 20 -5.57 24.22 14.80
C ALA A 20 -4.71 24.26 13.54
N LEU A 21 -4.07 23.15 13.19
CA LEU A 21 -3.28 23.07 11.95
C LEU A 21 -4.14 23.28 10.73
N THR A 22 -5.28 22.61 10.69
CA THR A 22 -6.19 22.72 9.55
C THR A 22 -6.72 24.14 9.34
N ILE A 23 -7.18 24.77 10.41
CA ILE A 23 -7.72 26.11 10.35
C ILE A 23 -6.63 27.15 10.03
N GLN A 24 -5.43 26.96 10.58
CA GLN A 24 -4.30 27.80 10.18
C GLN A 24 -4.05 27.66 8.68
N PHE A 25 -4.02 26.43 8.18
CA PHE A 25 -3.80 26.20 6.75
C PHE A 25 -4.83 26.91 5.87
N ILE A 26 -6.10 26.78 6.24
CA ILE A 26 -7.19 27.25 5.40
C ILE A 26 -7.39 28.75 5.57
N GLN A 27 -7.35 29.23 6.81
CA GLN A 27 -7.72 30.62 7.15
C GLN A 27 -6.62 31.53 7.71
N SER A 28 -5.41 30.99 7.92
CA SER A 28 -4.33 31.78 8.54
C SER A 28 -4.75 32.41 9.88
N TYR A 29 -5.49 31.65 10.67
CA TYR A 29 -5.91 32.06 12.00
C TYR A 29 -5.70 30.94 12.99
N PHE A 30 -5.28 31.28 14.21
CA PHE A 30 -4.98 30.27 15.25
C PHE A 30 -6.15 30.15 16.23
N VAL A 31 -6.78 28.98 16.24
CA VAL A 31 -7.89 28.70 17.16
C VAL A 31 -7.40 28.08 18.46
N THR A 32 -7.86 28.65 19.58
CA THR A 32 -7.36 28.31 20.91
C THR A 32 -8.24 27.33 21.68
N ASP A 33 -9.53 27.24 21.34
CA ASP A 33 -10.42 26.30 22.00
C ASP A 33 -11.51 25.79 21.04
N TYR A 34 -11.07 25.17 19.95
CA TYR A 34 -12.00 24.66 18.95
C TYR A 34 -12.63 23.36 19.41
N ASP A 35 -13.97 23.31 19.40
CA ASP A 35 -14.72 22.14 19.86
C ASP A 35 -14.04 20.84 19.45
N PRO A 36 -13.55 20.06 20.43
CA PRO A 36 -12.77 18.85 20.12
C PRO A 36 -13.54 17.72 19.44
N THR A 37 -14.87 17.76 19.51
CA THR A 37 -15.68 16.70 18.95
C THR A 37 -15.96 16.84 17.45
N ILE A 38 -15.86 18.12 16.99
CA ILE A 38 -16.29 18.46 15.64
C ILE A 38 -15.34 17.89 14.57
N GLU A 39 -15.89 17.02 13.72
CA GLU A 39 -15.18 16.51 12.54
C GLU A 39 -15.77 17.25 11.34
N ASP A 40 -14.92 17.90 10.54
CA ASP A 40 -15.41 18.64 9.39
C ASP A 40 -14.41 18.62 8.24
N SER A 41 -14.91 19.05 7.08
CA SER A 41 -14.15 19.07 5.85
C SER A 41 -13.93 20.48 5.34
N TYR A 42 -12.78 20.70 4.73
CA TYR A 42 -12.39 22.00 4.20
C TYR A 42 -11.76 21.82 2.84
N THR A 43 -11.65 22.90 2.09
CA THR A 43 -11.04 22.88 0.77
CA THR A 43 -10.98 22.85 0.81
C THR A 43 -10.10 24.07 0.60
N LYS A 44 -9.01 23.87 -0.13
CA LYS A 44 -8.10 24.94 -0.48
C LYS A 44 -7.53 24.68 -1.86
N GLN A 45 -7.48 25.73 -2.67
CA GLN A 45 -6.84 25.65 -3.96
C GLN A 45 -5.41 26.11 -3.78
N CYS A 46 -4.46 25.27 -4.16
CA CYS A 46 -3.04 25.55 -3.97
C CYS A 46 -2.28 25.43 -5.26
N VAL A 47 -1.07 25.96 -5.26
CA VAL A 47 -0.10 25.77 -6.31
C VAL A 47 1.12 25.16 -5.64
N ILE A 48 1.46 23.93 -6.01
CA ILE A 48 2.56 23.19 -5.41
C ILE A 48 3.52 22.72 -6.50
N ASP A 49 4.78 23.15 -6.40
CA ASP A 49 5.75 22.91 -7.46
C ASP A 49 5.15 23.34 -8.82
N ASP A 50 4.54 24.53 -8.81
CA ASP A 50 3.92 25.19 -9.96
C ASP A 50 2.69 24.50 -10.54
N ARG A 51 2.28 23.38 -9.96
CA ARG A 51 1.11 22.63 -10.43
C ARG A 51 -0.08 22.88 -9.52
N ALA A 52 -1.23 23.18 -10.13
CA ALA A 52 -2.45 23.44 -9.41
C ALA A 52 -2.94 22.16 -8.73
N ALA A 53 -3.45 22.30 -7.51
CA ALA A 53 -4.07 21.17 -6.79
C ALA A 53 -5.15 21.68 -5.84
N ARG A 54 -6.30 21.02 -5.86
CA ARG A 54 -7.33 21.26 -4.88
C ARG A 54 -7.12 20.27 -3.75
N LEU A 55 -7.01 20.76 -2.53
CA LEU A 55 -6.83 19.88 -1.38
C LEU A 55 -8.14 19.90 -0.62
N ASP A 56 -8.73 18.72 -0.47
CA ASP A 56 -9.92 18.53 0.37
C ASP A 56 -9.46 17.84 1.64
N ILE A 57 -9.66 18.51 2.78
CA ILE A 57 -9.06 18.09 4.04
C ILE A 57 -10.12 17.73 5.06
N LEU A 58 -10.02 16.52 5.58
CA LEU A 58 -10.89 16.07 6.67
C LEU A 58 -10.12 16.21 7.97
N ASP A 59 -10.66 17.03 8.86
CA ASP A 59 -10.09 17.23 10.18
C ASP A 59 -10.84 16.29 11.09
N THR A 60 -10.23 15.13 11.40
CA THR A 60 -10.92 14.08 12.14
C THR A 60 -11.02 14.42 13.61
N ALA A 61 -12.06 13.92 14.25
CA ALA A 61 -12.18 14.10 15.68
C ALA A 61 -12.53 12.75 16.25
N PHE A 66 -12.40 2.95 16.86
CA PHE A 66 -12.10 2.46 15.52
C PHE A 66 -13.17 1.47 15.04
N GLY A 67 -13.54 1.59 13.77
CA GLY A 67 -14.54 0.72 13.17
C GLY A 67 -14.78 1.06 11.71
N ALA A 68 -15.96 0.71 11.21
CA ALA A 68 -16.31 0.89 9.79
C ALA A 68 -16.25 2.35 9.34
N MET A 69 -16.69 3.27 10.20
CA MET A 69 -16.74 4.69 9.86
C MET A 69 -15.35 5.22 9.55
N ARG A 70 -14.45 5.07 10.52
CA ARG A 70 -13.07 5.53 10.37
C ARG A 70 -12.36 4.73 9.28
N GLU A 71 -12.64 3.43 9.20
CA GLU A 71 -12.14 2.63 8.09
C GLU A 71 -12.53 3.24 6.74
N GLN A 72 -13.75 3.77 6.63
CA GLN A 72 -14.19 4.36 5.37
C GLN A 72 -13.43 5.64 5.02
N TYR A 73 -13.21 6.56 5.97
CA TYR A 73 -12.42 7.74 5.60
C TYR A 73 -10.96 7.38 5.36
N MET A 74 -10.47 6.31 6.01
CA MET A 74 -9.15 5.77 5.64
C MET A 74 -9.17 5.13 4.25
N ARG A 75 -10.27 4.47 3.90
CA ARG A 75 -10.38 3.85 2.59
C ARG A 75 -10.29 4.84 1.45
N THR A 76 -10.95 5.99 1.59
CA THR A 76 -10.97 6.99 0.53
C THR A 76 -9.87 8.05 0.66
N GLY A 77 -9.15 8.08 1.77
CA GLY A 77 -8.04 9.02 1.96
C GLY A 77 -6.90 8.76 1.00
N GLU A 78 -6.43 9.83 0.36
CA GLU A 78 -5.31 9.69 -0.56
C GLU A 78 -3.99 10.00 0.11
N GLY A 79 -4.04 10.65 1.27
CA GLY A 79 -2.83 10.87 2.05
C GLY A 79 -3.21 11.25 3.46
N PHE A 80 -2.31 11.01 4.40
CA PHE A 80 -2.58 11.20 5.83
C PHE A 80 -1.49 12.02 6.50
N LEU A 81 -1.92 13.00 7.28
CA LEU A 81 -1.07 13.66 8.27
C LEU A 81 -1.27 12.95 9.60
N LEU A 82 -0.20 12.36 10.11
CA LEU A 82 -0.21 11.67 11.40
C LEU A 82 0.33 12.66 12.41
N VAL A 83 -0.54 13.23 13.21
CA VAL A 83 -0.15 14.34 14.09
C VAL A 83 -0.05 13.88 15.52
N PHE A 84 1.05 14.21 16.17
CA PHE A 84 1.09 14.14 17.62
C PHE A 84 1.51 15.49 18.17
N SER A 85 1.35 15.66 19.48
CA SER A 85 1.89 16.85 20.13
C SER A 85 3.20 16.52 20.81
N VAL A 86 4.21 17.34 20.57
CA VAL A 86 5.52 17.18 21.22
C VAL A 86 5.46 17.35 22.76
N THR A 87 4.34 17.86 23.29
CA THR A 87 4.16 18.01 24.73
C THR A 87 3.33 16.87 25.34
N ASP A 88 3.01 15.86 24.54
CA ASP A 88 2.12 14.77 24.96
C ASP A 88 2.66 13.43 24.51
N ARG A 89 3.41 12.77 25.38
CA ARG A 89 3.99 11.47 25.08
C ARG A 89 2.94 10.43 24.64
N GLY A 90 1.79 10.44 25.29
CA GLY A 90 0.72 9.52 24.93
C GLY A 90 0.33 9.62 23.47
N SER A 91 0.22 10.84 22.96
CA SER A 91 -0.18 11.09 21.58
C SER A 91 0.89 10.61 20.62
N PHE A 92 2.13 10.71 21.03
CA PHE A 92 3.27 10.22 20.25
C PHE A 92 3.20 8.70 20.12
N GLU A 93 2.91 8.03 21.22
CA GLU A 93 2.82 6.57 21.21
C GLU A 93 1.60 6.10 20.41
N GLU A 94 0.54 6.90 20.39
CA GLU A 94 -0.65 6.57 19.59
C GLU A 94 -0.38 6.50 18.09
N ILE A 95 0.71 7.11 17.62
CA ILE A 95 0.98 7.18 16.19
C ILE A 95 1.07 5.78 15.57
N TYR A 96 1.68 4.85 16.32
CA TYR A 96 1.81 3.48 15.85
C TYR A 96 0.46 2.90 15.43
N LYS A 97 -0.56 3.15 16.25
CA LYS A 97 -1.90 2.62 16.02
C LYS A 97 -2.46 3.14 14.72
N PHE A 98 -2.33 4.45 14.49
CA PHE A 98 -2.89 5.07 13.29
C PHE A 98 -2.27 4.53 12.03
N GLN A 99 -0.96 4.40 12.03
CA GLN A 99 -0.28 3.90 10.85
C GLN A 99 -0.70 2.46 10.53
N ARG A 100 -0.76 1.62 11.55
CA ARG A 100 -1.20 0.25 11.37
C ARG A 100 -2.64 0.13 10.86
N GLN A 101 -3.54 0.96 11.41
CA GLN A 101 -4.93 0.96 10.95
C GLN A 101 -5.03 1.34 9.48
N ILE A 102 -4.29 2.37 9.07
CA ILE A 102 -4.31 2.83 7.68
C ILE A 102 -3.80 1.75 6.73
N LEU A 103 -2.65 1.17 7.05
CA LEU A 103 -2.09 0.12 6.20
C LEU A 103 -2.98 -1.12 6.12
N ARG A 104 -3.70 -1.43 7.21
CA ARG A 104 -4.62 -2.55 7.23
CA ARG A 104 -4.59 -2.58 7.18
C ARG A 104 -5.79 -2.29 6.28
N VAL A 105 -6.33 -1.08 6.36
CA VAL A 105 -7.45 -0.69 5.49
C VAL A 105 -7.02 -0.73 4.04
N LYS A 106 -5.85 -0.18 3.76
CA LYS A 106 -5.31 -0.14 2.39
C LYS A 106 -4.82 -1.49 1.86
N ASP A 107 -4.54 -2.43 2.77
CA ASP A 107 -3.92 -3.71 2.41
C ASP A 107 -2.62 -3.49 1.64
N ARG A 108 -1.85 -2.51 2.07
CA ARG A 108 -0.59 -2.18 1.42
C ARG A 108 0.54 -2.09 2.45
N ASP A 109 1.76 -2.18 1.98
CA ASP A 109 2.93 -2.12 2.85
C ASP A 109 3.45 -0.69 3.10
N GLU A 110 3.07 0.24 2.23
CA GLU A 110 3.25 1.67 2.46
C GLU A 110 2.16 2.47 1.76
N PHE A 111 2.02 3.71 2.19
CA PHE A 111 0.97 4.59 1.70
C PHE A 111 1.33 6.01 2.07
N PRO A 112 1.03 6.99 1.20
CA PRO A 112 1.36 8.40 1.50
C PRO A 112 0.93 8.91 2.87
N MET A 113 1.93 9.24 3.69
CA MET A 113 1.70 9.76 5.02
C MET A 113 2.86 10.66 5.38
N ILE A 114 2.62 11.58 6.30
CA ILE A 114 3.71 12.35 6.92
C ILE A 114 3.48 12.44 8.41
N LEU A 115 4.56 12.33 9.17
CA LEU A 115 4.51 12.43 10.63
C LEU A 115 4.79 13.89 11.01
N ILE A 116 3.86 14.45 11.77
CA ILE A 116 3.92 15.84 12.21
C ILE A 116 3.96 15.94 13.74
N GLY A 117 5.05 16.51 14.25
CA GLY A 117 5.21 16.83 15.67
C GLY A 117 4.80 18.27 15.90
N ASN A 118 3.58 18.45 16.36
CA ASN A 118 3.03 19.79 16.53
C ASN A 118 3.29 20.36 17.93
N LYS A 119 3.03 21.66 18.09
CA LYS A 119 3.27 22.42 19.32
C LYS A 119 4.76 22.63 19.60
N ALA A 120 5.56 22.71 18.55
CA ALA A 120 7.00 22.89 18.71
C ALA A 120 7.38 24.25 19.30
N ASP A 121 6.43 25.18 19.37
CA ASP A 121 6.65 26.46 20.06
C ASP A 121 6.77 26.33 21.58
N LEU A 122 6.21 25.25 22.14
CA LEU A 122 6.25 25.00 23.59
C LEU A 122 7.52 24.24 23.96
N ASP A 123 8.67 24.86 23.70
CA ASP A 123 9.95 24.17 23.81
C ASP A 123 10.36 23.74 25.22
N HIS A 124 9.74 24.32 26.25
CA HIS A 124 10.00 23.91 27.63
C HIS A 124 8.88 23.08 28.25
N GLN A 125 7.99 22.54 27.40
CA GLN A 125 6.98 21.59 27.84
C GLN A 125 7.03 20.29 27.06
N ARG A 126 8.10 20.08 26.29
CA ARG A 126 8.20 18.91 25.42
C ARG A 126 8.36 17.64 26.23
N GLN A 127 7.59 16.63 25.85
CA GLN A 127 7.74 15.27 26.37
C GLN A 127 8.36 14.34 25.33
N VAL A 128 8.55 14.83 24.11
CA VAL A 128 9.14 14.06 23.01
C VAL A 128 10.22 14.91 22.37
N THR A 129 11.43 14.38 22.22
CA THR A 129 12.48 15.14 21.56
C THR A 129 12.35 15.06 20.04
N GLN A 130 13.00 16.00 19.37
CA GLN A 130 13.00 16.00 17.92
C GLN A 130 13.62 14.70 17.41
N GLU A 131 14.71 14.27 18.06
CA GLU A 131 15.39 13.03 17.70
C GLU A 131 14.47 11.83 17.82
N GLU A 132 13.63 11.82 18.85
CA GLU A 132 12.67 10.74 19.04
C GLU A 132 11.62 10.75 17.94
N GLY A 133 11.22 11.94 17.51
CA GLY A 133 10.27 12.10 16.41
C GLY A 133 10.87 11.59 15.09
N GLN A 134 12.12 11.96 14.84
CA GLN A 134 12.86 11.48 13.66
C GLN A 134 13.04 9.95 13.67
N GLN A 135 13.33 9.38 14.84
CA GLN A 135 13.46 7.94 14.98
C GLN A 135 12.14 7.22 14.69
N LEU A 136 11.04 7.76 15.20
CA LEU A 136 9.74 7.16 14.91
C LEU A 136 9.47 7.19 13.40
N ALA A 137 9.74 8.33 12.77
CA ALA A 137 9.54 8.47 11.33
C ALA A 137 10.38 7.47 10.54
N ARG A 138 11.60 7.23 10.99
CA ARG A 138 12.45 6.22 10.37
C ARG A 138 11.85 4.82 10.50
N GLN A 139 11.34 4.49 11.68
CA GLN A 139 10.72 3.18 11.93
C GLN A 139 9.49 2.97 11.06
N LEU A 140 8.72 4.04 10.88
CA LEU A 140 7.50 4.02 10.06
C LEU A 140 7.77 4.29 8.58
N LYS A 141 9.02 4.58 8.23
CA LYS A 141 9.41 4.89 6.85
C LYS A 141 8.60 6.04 6.24
N VAL A 142 8.47 7.12 7.01
CA VAL A 142 7.80 8.34 6.54
C VAL A 142 8.64 9.57 6.83
N THR A 143 8.24 10.67 6.20
CA THR A 143 8.83 11.98 6.39
C THR A 143 8.37 12.54 7.72
N TYR A 144 9.27 13.21 8.45
CA TYR A 144 8.95 13.89 9.70
C TYR A 144 9.08 15.39 9.52
N MET A 145 8.11 16.10 10.07
CA MET A 145 8.13 17.55 10.12
C MET A 145 7.63 18.03 11.46
N GLU A 146 8.33 18.97 12.05
CA GLU A 146 7.81 19.65 13.21
C GLU A 146 7.08 20.89 12.75
N ALA A 147 6.05 21.23 13.52
CA ALA A 147 5.14 22.30 13.17
C ALA A 147 4.69 23.01 14.43
N SER A 148 4.12 24.20 14.23
CA SER A 148 3.36 24.86 15.27
C SER A 148 2.21 25.58 14.60
N ALA A 149 0.99 25.20 14.96
CA ALA A 149 -0.20 25.94 14.54
C ALA A 149 -0.20 27.34 15.15
N LYS A 150 0.33 27.48 16.37
CA LYS A 150 0.29 28.77 17.08
C LYS A 150 1.11 29.85 16.38
N ILE A 151 2.33 29.55 15.98
CA ILE A 151 3.17 30.55 15.31
C ILE A 151 3.22 30.31 13.80
N ARG A 152 2.36 29.41 13.31
CA ARG A 152 2.26 29.06 11.90
C ARG A 152 3.61 28.64 11.30
N MET A 153 4.31 27.73 11.99
CA MET A 153 5.55 27.14 11.48
C MET A 153 5.24 25.84 10.76
N ASN A 154 5.66 25.75 9.50
CA ASN A 154 5.55 24.52 8.70
C ASN A 154 4.13 24.03 8.46
N VAL A 155 3.17 24.93 8.58
CA VAL A 155 1.77 24.58 8.37
C VAL A 155 1.49 24.35 6.88
N ASP A 156 1.70 25.36 6.04
CA ASP A 156 1.51 25.17 4.58
C ASP A 156 2.41 24.04 4.08
N GLN A 157 3.64 24.03 4.58
CA GLN A 157 4.68 23.12 4.10
C GLN A 157 4.29 21.66 4.34
N ALA A 158 3.64 21.41 5.48
CA ALA A 158 3.24 20.05 5.82
C ALA A 158 2.25 19.54 4.80
N PHE A 159 1.26 20.39 4.45
CA PHE A 159 0.22 19.98 3.50
C PHE A 159 0.74 19.88 2.10
N HIS A 160 1.59 20.84 1.70
CA HIS A 160 2.30 20.77 0.42
C HIS A 160 3.14 19.50 0.30
N GLU A 161 3.88 19.16 1.35
CA GLU A 161 4.75 17.98 1.30
C GLU A 161 3.94 16.71 1.20
N LEU A 162 2.79 16.63 1.86
CA LEU A 162 1.94 15.47 1.72
C LEU A 162 1.50 15.29 0.26
N VAL A 163 1.14 16.39 -0.39
CA VAL A 163 0.81 16.31 -1.80
C VAL A 163 2.00 15.85 -2.62
N ARG A 164 3.19 16.34 -2.28
CA ARG A 164 4.38 15.88 -3.00
C ARG A 164 4.55 14.38 -2.87
N VAL A 165 4.26 13.85 -1.68
CA VAL A 165 4.40 12.42 -1.42
C VAL A 165 3.40 11.64 -2.25
N ILE A 166 2.15 12.09 -2.26
CA ILE A 166 1.13 11.45 -3.08
C ILE A 166 1.55 11.41 -4.55
N ARG A 167 2.03 12.54 -5.05
CA ARG A 167 2.48 12.63 -6.44
C ARG A 167 3.64 11.68 -6.72
N LYS A 168 4.60 11.58 -5.79
CA LYS A 168 5.76 10.69 -5.99
C LYS A 168 5.31 9.23 -6.03
N PHE A 169 4.33 8.87 -5.20
CA PHE A 169 3.77 7.51 -5.24
C PHE A 169 3.09 7.22 -6.59
N GLN A 170 2.60 8.25 -7.25
CA GLN A 170 1.91 8.09 -8.54
C GLN A 170 2.82 8.27 -9.76
N GLU A 171 4.11 8.54 -9.53
CA GLU A 171 5.07 8.71 -10.63
C GLU A 171 5.14 7.50 -11.54
N GLU B 4 7.75 -16.54 11.15
CA GLU B 4 6.70 -16.99 10.19
C GLU B 4 7.03 -16.53 8.77
N LYS B 5 7.22 -17.50 7.89
CA LYS B 5 7.81 -17.28 6.59
C LYS B 5 7.03 -18.05 5.55
N TYR B 6 6.89 -17.49 4.35
CA TYR B 6 6.14 -18.12 3.26
C TYR B 6 6.93 -18.09 1.99
N ARG B 7 7.09 -19.25 1.36
CA ARG B 7 7.79 -19.34 0.09
C ARG B 7 6.78 -19.21 -1.05
N LEU B 8 6.69 -18.01 -1.62
CA LEU B 8 5.76 -17.74 -2.72
C LEU B 8 6.43 -17.83 -4.06
N VAL B 9 5.67 -18.33 -5.03
CA VAL B 9 6.18 -18.55 -6.36
C VAL B 9 5.28 -17.88 -7.39
N VAL B 10 5.86 -17.05 -8.24
CA VAL B 10 5.12 -16.36 -9.30
C VAL B 10 5.34 -17.11 -10.59
N VAL B 11 4.27 -17.64 -11.18
CA VAL B 11 4.35 -18.40 -12.42
C VAL B 11 3.40 -17.82 -13.48
N GLY B 12 3.61 -18.20 -14.73
CA GLY B 12 2.81 -17.69 -15.83
C GLY B 12 3.59 -17.67 -17.10
N GLY B 13 2.89 -17.43 -18.21
CA GLY B 13 3.50 -17.43 -19.52
C GLY B 13 4.44 -16.26 -19.71
N GLY B 14 5.21 -16.29 -20.79
CA GLY B 14 6.19 -15.24 -21.03
C GLY B 14 5.53 -13.89 -21.19
N GLY B 15 6.16 -12.86 -20.63
CA GLY B 15 5.73 -11.49 -20.86
C GLY B 15 4.45 -11.04 -20.16
N VAL B 16 3.91 -11.85 -19.24
CA VAL B 16 2.65 -11.49 -18.56
C VAL B 16 2.84 -10.46 -17.45
N GLY B 17 4.08 -10.31 -16.98
CA GLY B 17 4.38 -9.38 -15.90
C GLY B 17 4.84 -9.99 -14.58
N LYS B 18 5.36 -11.22 -14.63
CA LYS B 18 5.88 -11.86 -13.43
C LYS B 18 6.97 -11.00 -12.80
N SER B 19 7.99 -10.67 -13.59
CA SER B 19 9.08 -9.88 -13.06
C SER B 19 8.64 -8.46 -12.69
N ALA B 20 7.84 -7.82 -13.54
CA ALA B 20 7.36 -6.46 -13.23
C ALA B 20 6.53 -6.42 -11.94
N LEU B 21 5.67 -7.41 -11.74
CA LEU B 21 4.90 -7.49 -10.48
C LEU B 21 5.79 -7.69 -9.26
N THR B 22 6.73 -8.63 -9.35
CA THR B 22 7.65 -8.95 -8.27
C THR B 22 8.52 -7.74 -7.91
N ILE B 23 9.13 -7.11 -8.92
CA ILE B 23 10.01 -5.97 -8.70
C ILE B 23 9.20 -4.76 -8.16
N GLN B 24 7.96 -4.58 -8.63
CA GLN B 24 7.12 -3.54 -8.05
C GLN B 24 6.88 -3.84 -6.58
N PHE B 25 6.59 -5.10 -6.28
CA PHE B 25 6.28 -5.48 -4.91
C PHE B 25 7.45 -5.23 -3.96
N ILE B 26 8.64 -5.65 -4.37
CA ILE B 26 9.84 -5.53 -3.54
C ILE B 26 10.48 -4.14 -3.58
N GLN B 27 10.63 -3.58 -4.79
CA GLN B 27 11.44 -2.36 -4.99
C GLN B 27 10.66 -1.09 -5.37
N SER B 28 9.38 -1.23 -5.67
CA SER B 28 8.49 -0.09 -5.95
C SER B 28 8.93 0.77 -7.14
N TYR B 29 9.41 0.10 -8.19
CA TYR B 29 9.54 0.74 -9.50
C TYR B 29 9.13 -0.26 -10.58
N PHE B 30 8.86 0.26 -11.77
CA PHE B 30 8.35 -0.51 -12.88
C PHE B 30 9.48 -0.78 -13.88
N VAL B 31 9.78 -2.07 -14.11
CA VAL B 31 10.77 -2.44 -15.13
C VAL B 31 10.14 -2.68 -16.50
N THR B 32 10.76 -2.11 -17.52
CA THR B 32 10.26 -2.19 -18.89
C THR B 32 10.96 -3.27 -19.72
N ASP B 33 12.17 -3.64 -19.32
CA ASP B 33 13.00 -4.57 -20.12
C ASP B 33 13.86 -5.50 -19.25
N TYR B 34 13.23 -6.16 -18.29
CA TYR B 34 13.93 -7.11 -17.42
C TYR B 34 14.09 -8.45 -18.15
N ASP B 35 15.34 -8.92 -18.23
CA ASP B 35 15.66 -10.14 -18.99
C ASP B 35 14.58 -11.21 -18.84
N PRO B 36 14.00 -11.68 -19.96
CA PRO B 36 12.92 -12.66 -19.86
C PRO B 36 13.37 -14.04 -19.36
N THR B 37 14.67 -14.31 -19.42
CA THR B 37 15.23 -15.64 -19.07
C THR B 37 15.70 -15.75 -17.62
N ILE B 38 15.66 -14.65 -16.87
CA ILE B 38 16.23 -14.64 -15.52
C ILE B 38 15.21 -15.03 -14.45
N GLU B 39 15.61 -15.97 -13.59
CA GLU B 39 14.79 -16.43 -12.47
C GLU B 39 15.58 -16.16 -11.19
N ASP B 40 15.00 -15.31 -10.32
CA ASP B 40 15.69 -14.85 -9.11
C ASP B 40 14.71 -14.78 -7.93
N SER B 41 15.27 -14.77 -6.71
CA SER B 41 14.52 -14.73 -5.46
C SER B 41 14.64 -13.38 -4.76
N TYR B 42 13.58 -12.99 -4.05
CA TYR B 42 13.55 -11.75 -3.30
C TYR B 42 12.92 -12.03 -1.95
N THR B 43 13.02 -11.08 -1.03
CA THR B 43 12.33 -11.19 0.25
C THR B 43 11.79 -9.83 0.71
N LYS B 44 10.71 -9.87 1.48
CA LYS B 44 10.07 -8.67 2.03
C LYS B 44 9.40 -9.04 3.35
N GLN B 45 9.50 -8.15 4.34
CA GLN B 45 8.78 -8.30 5.61
C GLN B 45 7.49 -7.51 5.52
N CYS B 46 6.37 -8.17 5.83
CA CYS B 46 5.05 -7.57 5.71
C CYS B 46 4.25 -7.78 6.99
N VAL B 47 3.24 -6.94 7.18
CA VAL B 47 2.22 -7.15 8.19
C VAL B 47 0.91 -7.37 7.45
N ILE B 48 0.30 -8.53 7.68
CA ILE B 48 -0.90 -8.93 6.95
C ILE B 48 -1.95 -9.34 8.01
N ASP B 49 -3.08 -8.65 8.02
CA ASP B 49 -4.10 -8.86 9.06
C ASP B 49 -3.47 -8.78 10.46
N ASP B 50 -2.58 -7.79 10.60
CA ASP B 50 -1.86 -7.48 11.86
C ASP B 50 -0.91 -8.58 12.36
N ARG B 51 -0.64 -9.58 11.52
CA ARG B 51 0.31 -10.64 11.84
C ARG B 51 1.53 -10.49 10.93
N ALA B 52 2.72 -10.41 11.50
CA ALA B 52 3.93 -10.24 10.68
C ALA B 52 4.19 -11.51 9.87
N ALA B 53 4.70 -11.34 8.65
CA ALA B 53 5.12 -12.47 7.84
C ALA B 53 6.33 -12.09 6.98
N ARG B 54 7.28 -13.01 6.85
CA ARG B 54 8.37 -12.84 5.89
C ARG B 54 7.96 -13.55 4.61
N LEU B 55 8.01 -12.84 3.49
CA LEU B 55 7.60 -13.39 2.20
C LEU B 55 8.84 -13.58 1.35
N ASP B 56 9.20 -14.82 1.05
CA ASP B 56 10.34 -15.13 0.18
C ASP B 56 9.76 -15.47 -1.20
N ILE B 57 9.96 -14.58 -2.16
CA ILE B 57 9.34 -14.67 -3.49
C ILE B 57 10.31 -15.16 -4.55
N LEU B 58 9.89 -16.17 -5.32
CA LEU B 58 10.62 -16.61 -6.51
C LEU B 58 9.90 -16.14 -7.77
N ASP B 59 10.62 -15.39 -8.59
CA ASP B 59 10.16 -14.92 -9.89
C ASP B 59 10.67 -15.91 -10.94
N THR B 60 9.78 -16.74 -11.48
CA THR B 60 10.19 -17.82 -12.38
C THR B 60 10.34 -17.38 -13.84
N ALA B 61 11.16 -18.09 -14.59
CA ALA B 61 11.34 -17.82 -16.01
C ALA B 61 11.53 -19.15 -16.73
N GLY B 62 10.70 -19.42 -17.74
CA GLY B 62 10.83 -20.64 -18.54
C GLY B 62 10.23 -21.85 -17.83
N GLN B 63 10.43 -23.03 -18.40
CA GLN B 63 9.85 -24.27 -17.85
C GLN B 63 10.72 -24.86 -16.74
N GLU B 64 10.08 -25.54 -15.78
CA GLU B 64 10.79 -26.35 -14.77
C GLU B 64 11.70 -27.37 -15.45
N GLU B 65 12.97 -27.38 -15.03
CA GLU B 65 13.93 -28.41 -15.42
C GLU B 65 14.78 -28.74 -14.21
N PHE B 66 15.21 -29.99 -14.08
CA PHE B 66 16.07 -30.38 -12.97
C PHE B 66 17.49 -29.91 -13.22
N GLY B 67 18.16 -29.48 -12.15
CA GLY B 67 19.57 -29.12 -12.23
C GLY B 67 20.09 -28.55 -10.92
N ALA B 68 21.42 -28.47 -10.80
CA ALA B 68 22.05 -27.91 -9.61
C ALA B 68 21.67 -26.45 -9.37
N MET B 69 21.32 -25.73 -10.45
CA MET B 69 20.94 -24.31 -10.36
C MET B 69 19.46 -24.12 -10.17
N ARG B 70 18.68 -25.16 -10.43
CA ARG B 70 17.22 -25.05 -10.51
C ARG B 70 16.52 -25.52 -9.24
N GLU B 71 15.91 -24.58 -8.53
CA GLU B 71 15.02 -24.92 -7.43
C GLU B 71 13.77 -25.57 -8.02
N GLN B 72 13.37 -26.72 -7.46
CA GLN B 72 12.09 -27.34 -7.83
C GLN B 72 10.99 -26.63 -7.09
N TYR B 73 10.62 -25.47 -7.60
CA TYR B 73 9.69 -24.58 -6.91
C TYR B 73 8.29 -25.12 -6.74
N MET B 74 7.94 -26.16 -7.48
CA MET B 74 6.60 -26.70 -7.37
C MET B 74 6.36 -27.87 -6.41
N ARG B 75 7.34 -28.72 -6.07
CA ARG B 75 7.95 -28.92 -4.72
C ARG B 75 8.02 -27.93 -3.57
N THR B 76 8.91 -26.95 -3.62
CA THR B 76 9.15 -26.12 -2.43
C THR B 76 8.10 -25.03 -2.17
N GLY B 77 7.35 -24.66 -3.18
CA GLY B 77 6.46 -23.49 -3.07
C GLY B 77 5.29 -23.71 -2.13
N GLU B 78 5.04 -22.74 -1.25
CA GLU B 78 3.93 -22.81 -0.28
C GLU B 78 2.67 -22.11 -0.79
N GLY B 79 2.81 -21.31 -1.84
CA GLY B 79 1.68 -20.70 -2.53
C GLY B 79 2.15 -20.19 -3.85
N PHE B 80 1.22 -20.09 -4.80
CA PHE B 80 1.53 -19.72 -6.18
C PHE B 80 0.64 -18.58 -6.67
N LEU B 81 1.26 -17.57 -7.27
CA LEU B 81 0.55 -16.55 -8.02
C LEU B 81 0.50 -17.03 -9.46
N LEU B 82 -0.72 -17.28 -9.97
CA LEU B 82 -0.90 -17.73 -11.34
C LEU B 82 -1.19 -16.49 -12.15
N VAL B 83 -0.20 -16.02 -12.90
CA VAL B 83 -0.32 -14.73 -13.59
C VAL B 83 -0.61 -14.91 -15.08
N PHE B 84 -1.62 -14.19 -15.58
CA PHE B 84 -1.77 -13.98 -17.02
C PHE B 84 -1.93 -12.49 -17.27
N SER B 85 -1.80 -12.09 -18.54
CA SER B 85 -2.05 -10.72 -18.96
C SER B 85 -3.44 -10.65 -19.57
N VAL B 86 -4.24 -9.67 -19.11
CA VAL B 86 -5.59 -9.48 -19.66
C VAL B 86 -5.59 -9.04 -21.12
N THR B 87 -4.42 -8.63 -21.62
CA THR B 87 -4.25 -8.27 -23.03
C THR B 87 -3.79 -9.46 -23.89
N ASP B 88 -3.58 -10.62 -23.28
CA ASP B 88 -3.02 -11.78 -23.98
C ASP B 88 -3.85 -13.04 -23.69
N ARG B 89 -4.79 -13.35 -24.58
CA ARG B 89 -5.63 -14.52 -24.41
C ARG B 89 -4.83 -15.81 -24.31
N GLY B 90 -3.72 -15.90 -25.06
CA GLY B 90 -2.86 -17.08 -24.99
C GLY B 90 -2.35 -17.36 -23.59
N SER B 91 -1.96 -16.32 -22.87
CA SER B 91 -1.48 -16.45 -21.50
C SER B 91 -2.58 -16.89 -20.55
N PHE B 92 -3.79 -16.41 -20.80
CA PHE B 92 -4.98 -16.81 -20.06
C PHE B 92 -5.23 -18.30 -20.24
N GLU B 93 -5.14 -18.76 -21.49
CA GLU B 93 -5.32 -20.15 -21.87
C GLU B 93 -4.16 -21.06 -21.44
N GLU B 94 -3.07 -20.48 -20.96
CA GLU B 94 -1.93 -21.26 -20.43
C GLU B 94 -2.04 -21.54 -18.93
N ILE B 95 -2.95 -20.85 -18.25
CA ILE B 95 -3.06 -20.95 -16.81
C ILE B 95 -3.32 -22.39 -16.37
N TYR B 96 -4.19 -23.10 -17.07
CA TYR B 96 -4.52 -24.48 -16.69
C TYR B 96 -3.29 -25.38 -16.57
N LYS B 97 -2.28 -25.17 -17.42
CA LYS B 97 -1.06 -25.99 -17.43
C LYS B 97 -0.31 -25.86 -16.10
N PHE B 98 -0.16 -24.62 -15.65
CA PHE B 98 0.50 -24.35 -14.38
C PHE B 98 -0.29 -24.94 -13.20
N GLN B 99 -1.59 -24.71 -13.15
CA GLN B 99 -2.42 -25.25 -12.07
C GLN B 99 -2.30 -26.77 -11.99
N ARG B 100 -2.46 -27.44 -13.14
CA ARG B 100 -2.37 -28.90 -13.18
C ARG B 100 -0.98 -29.42 -12.82
N GLN B 101 0.06 -28.71 -13.24
CA GLN B 101 1.44 -29.13 -12.93
C GLN B 101 1.68 -29.07 -11.45
N ILE B 102 1.21 -27.99 -10.82
CA ILE B 102 1.42 -27.78 -9.39
C ILE B 102 0.71 -28.89 -8.63
N LEU B 103 -0.58 -29.11 -8.93
CA LEU B 103 -1.34 -30.14 -8.23
C LEU B 103 -0.76 -31.55 -8.45
N ARG B 104 -0.17 -31.79 -9.64
CA ARG B 104 0.47 -33.08 -9.88
C ARG B 104 1.71 -33.27 -9.00
N VAL B 105 2.55 -32.24 -8.92
CA VAL B 105 3.77 -32.33 -8.12
C VAL B 105 3.43 -32.45 -6.64
N LYS B 106 2.40 -31.72 -6.21
CA LYS B 106 1.92 -31.78 -4.82
C LYS B 106 1.13 -33.04 -4.47
N ASP B 107 0.61 -33.73 -5.49
CA ASP B 107 -0.28 -34.88 -5.31
C ASP B 107 -1.51 -34.50 -4.45
N ARG B 108 -2.09 -33.35 -4.76
CA ARG B 108 -3.21 -32.82 -4.02
C ARG B 108 -4.29 -32.39 -5.00
N ASP B 109 -5.52 -32.31 -4.51
CA ASP B 109 -6.65 -31.84 -5.30
C ASP B 109 -6.81 -30.32 -5.26
N GLU B 110 -6.27 -29.71 -4.22
CA GLU B 110 -6.21 -28.26 -4.11
C GLU B 110 -4.96 -27.83 -3.37
N PHE B 111 -4.58 -26.59 -3.62
CA PHE B 111 -3.38 -26.04 -3.02
C PHE B 111 -3.42 -24.51 -3.17
N PRO B 112 -2.91 -23.77 -2.16
CA PRO B 112 -2.89 -22.29 -2.20
C PRO B 112 -2.39 -21.63 -3.48
N MET B 113 -3.31 -20.98 -4.17
CA MET B 113 -3.04 -20.27 -5.41
C MET B 113 -3.99 -19.09 -5.51
N ILE B 114 -3.57 -18.09 -6.27
CA ILE B 114 -4.47 -16.98 -6.67
C ILE B 114 -4.24 -16.69 -8.14
N LEU B 115 -5.33 -16.36 -8.81
CA LEU B 115 -5.30 -16.02 -10.24
C LEU B 115 -5.19 -14.51 -10.38
N ILE B 116 -4.15 -14.04 -11.07
CA ILE B 116 -3.89 -12.63 -11.25
C ILE B 116 -4.00 -12.27 -12.74
N GLY B 117 -4.92 -11.38 -13.05
CA GLY B 117 -5.05 -10.81 -14.39
C GLY B 117 -4.32 -9.49 -14.41
N ASN B 118 -3.09 -9.52 -14.90
CA ASN B 118 -2.21 -8.35 -14.90
C ASN B 118 -2.42 -7.49 -16.16
N LYS B 119 -1.87 -6.28 -16.14
CA LYS B 119 -1.94 -5.32 -17.25
C LYS B 119 -3.34 -4.70 -17.41
N ALA B 120 -4.09 -4.61 -16.30
CA ALA B 120 -5.45 -4.06 -16.34
C ALA B 120 -5.48 -2.56 -16.70
N ASP B 121 -4.33 -1.88 -16.63
CA ASP B 121 -4.24 -0.50 -17.10
C ASP B 121 -4.43 -0.34 -18.62
N LEU B 122 -4.19 -1.42 -19.39
CA LEU B 122 -4.33 -1.39 -20.83
C LEU B 122 -5.76 -1.75 -21.26
N ASP B 123 -6.73 -0.94 -20.82
CA ASP B 123 -8.16 -1.25 -21.05
C ASP B 123 -8.61 -1.30 -22.53
N HIS B 124 -7.94 -0.56 -23.41
CA HIS B 124 -8.24 -0.61 -24.85
C HIS B 124 -7.55 -1.77 -25.58
N GLN B 125 -6.85 -2.63 -24.84
CA GLN B 125 -6.18 -3.78 -25.42
C GLN B 125 -6.61 -5.10 -24.77
N ARG B 126 -7.65 -5.08 -23.93
CA ARG B 126 -8.06 -6.28 -23.19
C ARG B 126 -8.63 -7.34 -24.12
N GLN B 127 -8.12 -8.56 -23.98
CA GLN B 127 -8.65 -9.71 -24.70
C GLN B 127 -9.38 -10.67 -23.75
N VAL B 128 -9.25 -10.45 -22.44
CA VAL B 128 -9.97 -11.26 -21.46
C VAL B 128 -10.79 -10.29 -20.62
N THR B 129 -12.09 -10.56 -20.50
CA THR B 129 -12.96 -9.75 -19.65
C THR B 129 -12.79 -10.14 -18.18
N GLN B 130 -13.16 -9.22 -17.31
CA GLN B 130 -13.15 -9.46 -15.88
C GLN B 130 -14.07 -10.64 -15.51
N GLU B 131 -15.23 -10.73 -16.15
CA GLU B 131 -16.13 -11.86 -15.91
C GLU B 131 -15.51 -13.19 -16.33
N GLU B 132 -14.75 -13.19 -17.42
CA GLU B 132 -14.06 -14.39 -17.86
C GLU B 132 -12.96 -14.82 -16.90
N GLY B 133 -12.22 -13.86 -16.37
CA GLY B 133 -11.24 -14.14 -15.33
C GLY B 133 -11.89 -14.75 -14.10
N GLN B 134 -13.04 -14.21 -13.72
CA GLN B 134 -13.81 -14.70 -12.58
C GLN B 134 -14.32 -16.12 -12.81
N GLN B 135 -14.75 -16.40 -14.04
CA GLN B 135 -15.22 -17.73 -14.41
C GLN B 135 -14.10 -18.75 -14.31
N LEU B 136 -12.93 -18.43 -14.86
CA LEU B 136 -11.79 -19.33 -14.77
C LEU B 136 -11.42 -19.60 -13.32
N ALA B 137 -11.37 -18.54 -12.52
CA ALA B 137 -11.02 -18.68 -11.12
C ALA B 137 -12.02 -19.58 -10.40
N ARG B 138 -13.31 -19.46 -10.72
CA ARG B 138 -14.33 -20.37 -10.17
C ARG B 138 -14.07 -21.83 -10.55
N GLN B 139 -13.74 -22.07 -11.80
CA GLN B 139 -13.43 -23.43 -12.27
C GLN B 139 -12.18 -23.99 -11.59
N LEU B 140 -11.21 -23.12 -11.33
CA LEU B 140 -9.97 -23.51 -10.65
C LEU B 140 -10.11 -23.50 -9.14
N LYS B 141 -11.27 -23.09 -8.63
CA LYS B 141 -11.50 -22.94 -7.18
C LYS B 141 -10.46 -22.04 -6.48
N VAL B 142 -10.16 -20.90 -7.11
CA VAL B 142 -9.26 -19.89 -6.54
C VAL B 142 -9.91 -18.50 -6.62
N THR B 143 -9.35 -17.55 -5.88
CA THR B 143 -9.74 -16.14 -5.94
C THR B 143 -9.13 -15.52 -7.18
N TYR B 144 -9.82 -14.51 -7.73
CA TYR B 144 -9.32 -13.73 -8.87
C TYR B 144 -9.08 -12.28 -8.47
N MET B 145 -7.93 -11.73 -8.88
CA MET B 145 -7.66 -10.32 -8.68
C MET B 145 -7.01 -9.76 -9.93
N GLU B 146 -7.42 -8.57 -10.35
CA GLU B 146 -6.74 -7.91 -11.44
C GLU B 146 -5.67 -6.96 -10.90
N ALA B 147 -4.60 -6.79 -11.67
CA ALA B 147 -3.49 -5.97 -11.19
C ALA B 147 -2.91 -5.17 -12.34
N SER B 148 -2.07 -4.20 -12.00
CA SER B 148 -1.21 -3.54 -12.96
C SER B 148 0.12 -3.26 -12.29
N ALA B 149 1.17 -3.88 -12.81
CA ALA B 149 2.53 -3.55 -12.40
C ALA B 149 2.89 -2.13 -12.80
N LYS B 150 2.36 -1.62 -13.92
CA LYS B 150 2.73 -0.30 -14.43
C LYS B 150 2.26 0.84 -13.52
N ILE B 151 1.02 0.76 -13.03
CA ILE B 151 0.49 1.79 -12.12
C ILE B 151 0.44 1.32 -10.66
N ARG B 152 1.01 0.14 -10.41
CA ARG B 152 1.05 -0.45 -9.07
C ARG B 152 -0.36 -0.57 -8.48
N MET B 153 -1.27 -1.13 -9.27
CA MET B 153 -2.60 -1.46 -8.78
C MET B 153 -2.62 -2.91 -8.31
N ASN B 154 -2.98 -3.12 -7.04
CA ASN B 154 -3.15 -4.45 -6.44
C ASN B 154 -1.87 -5.29 -6.36
N VAL B 155 -0.73 -4.64 -6.28
CA VAL B 155 0.53 -5.37 -6.24
C VAL B 155 0.74 -5.95 -4.85
N ASP B 156 0.78 -5.10 -3.83
CA ASP B 156 0.93 -5.58 -2.44
C ASP B 156 -0.24 -6.51 -2.10
N GLN B 157 -1.43 -6.12 -2.55
CA GLN B 157 -2.67 -6.82 -2.21
C GLN B 157 -2.64 -8.26 -2.74
N ALA B 158 -2.09 -8.45 -3.93
CA ALA B 158 -2.01 -9.79 -4.53
C ALA B 158 -1.16 -10.70 -3.65
N PHE B 159 -0.01 -10.19 -3.21
CA PHE B 159 0.90 -11.00 -2.39
C PHE B 159 0.34 -11.21 -1.00
N HIS B 160 -0.27 -10.17 -0.43
CA HIS B 160 -0.94 -10.31 0.87
C HIS B 160 -2.04 -11.36 0.79
N GLU B 161 -2.84 -11.31 -0.27
CA GLU B 161 -3.97 -12.23 -0.40
C GLU B 161 -3.52 -13.66 -0.51
N LEU B 162 -2.40 -13.92 -1.19
CA LEU B 162 -1.89 -15.28 -1.27
C LEU B 162 -1.49 -15.79 0.12
N VAL B 163 -0.90 -14.92 0.94
CA VAL B 163 -0.57 -15.32 2.30
C VAL B 163 -1.85 -15.65 3.09
N ARG B 164 -2.89 -14.85 2.92
CA ARG B 164 -4.16 -15.16 3.58
C ARG B 164 -4.70 -16.53 3.16
N VAL B 165 -4.55 -16.85 1.88
CA VAL B 165 -4.98 -18.15 1.36
C VAL B 165 -4.17 -19.27 1.99
N ILE B 166 -2.85 -19.09 2.06
CA ILE B 166 -1.98 -20.07 2.70
C ILE B 166 -2.38 -20.27 4.15
N ARG B 167 -2.63 -19.17 4.87
CA ARG B 167 -3.09 -19.26 6.26
C ARG B 167 -4.42 -20.01 6.41
N LYS B 168 -5.39 -19.71 5.54
CA LYS B 168 -6.68 -20.41 5.59
C LYS B 168 -6.50 -21.93 5.43
N PHE B 169 -5.63 -22.31 4.49
CA PHE B 169 -5.33 -23.72 4.21
C PHE B 169 -4.62 -24.43 5.39
N GLN B 170 -3.57 -23.80 5.91
CA GLN B 170 -2.71 -24.42 6.94
C GLN B 170 -3.36 -24.36 8.32
N GLU B 171 -4.20 -23.36 8.53
CA GLU B 171 -4.88 -23.16 9.79
C GLU B 171 -6.36 -23.43 9.54
N GLN B 172 -7.23 -22.42 9.66
CA GLN B 172 -8.63 -22.56 9.30
C GLN B 172 -9.30 -23.78 9.94
MG MG C . -10.31 18.95 16.65
PB GDP D . -7.40 18.52 18.17
O1B GDP D . -6.29 17.58 17.73
O2B GDP D . -8.26 19.02 17.02
O3B GDP D . -8.22 17.86 19.24
O3A GDP D . -6.64 19.74 18.88
PA GDP D . -6.88 21.30 18.70
O1A GDP D . -8.31 21.62 19.13
O2A GDP D . -6.55 21.85 17.34
O5' GDP D . -5.89 21.93 19.79
C5' GDP D . -6.00 21.58 21.18
C4' GDP D . -5.45 22.70 22.04
O4' GDP D . -4.06 22.87 21.76
C3' GDP D . -6.08 24.06 21.76
O3' GDP D . -6.09 24.79 22.99
C2' GDP D . -5.14 24.71 20.78
O2' GDP D . -5.05 26.14 20.83
C1' GDP D . -3.82 24.14 21.23
N9 GDP D . -2.84 24.07 20.13
C8 GDP D . -3.00 23.47 18.92
N7 GDP D . -1.86 23.59 18.20
C5 GDP D . -0.96 24.25 18.97
C6 GDP D . 0.42 24.71 18.83
O6 GDP D . 1.07 24.50 17.78
N1 GDP D . 0.97 25.36 19.88
C2 GDP D . 0.31 25.60 21.03
N2 GDP D . 0.95 26.27 22.03
N3 GDP D . -0.96 25.21 21.23
C4 GDP D . -1.62 24.54 20.24
MG MG E . 10.52 -12.32 -16.08
PB GDP F . 7.60 -11.78 -17.54
O1B GDP F . 6.30 -12.39 -17.06
O2B GDP F . 8.66 -11.71 -16.45
O3B GDP F . 8.16 -12.57 -18.71
O3A GDP F . 7.16 -10.32 -18.04
PA GDP F . 7.80 -8.90 -17.55
O1A GDP F . 9.26 -8.83 -17.90
O2A GDP F . 7.51 -8.59 -16.13
O5' GDP F . 6.97 -7.88 -18.46
C5' GDP F . 6.95 -8.02 -19.88
C4' GDP F . 6.65 -6.68 -20.53
O4' GDP F . 5.34 -6.30 -20.15
C3' GDP F . 7.59 -5.56 -20.11
O3' GDP F . 7.81 -4.67 -21.21
C2' GDP F . 6.84 -4.85 -18.99
O2' GDP F . 7.14 -3.45 -18.86
C1' GDP F . 5.40 -5.07 -19.43
N9 GDP F . 4.44 -5.10 -18.31
C8 GDP F . 4.49 -5.87 -17.20
N7 GDP F . 3.42 -5.61 -16.40
C5 GDP F . 2.70 -4.65 -17.00
C6 GDP F . 1.47 -3.90 -16.69
O6 GDP F . 0.82 -4.12 -15.64
N1 GDP F . 1.05 -2.99 -17.58
C2 GDP F . 1.72 -2.72 -18.71
N2 GDP F . 1.24 -1.78 -19.55
N3 GDP F . 2.86 -3.37 -19.06
C4 GDP F . 3.38 -4.31 -18.25
#